data_400D
# 
_entry.id   400D 
# 
_audit_conform.dict_name       mmcif_pdbx.dic 
_audit_conform.dict_version    5.387 
_audit_conform.dict_location   http://mmcif.pdb.org/dictionaries/ascii/mmcif_pdbx.dic 
# 
loop_
_database_2.database_id 
_database_2.database_code 
_database_2.pdbx_database_accession 
_database_2.pdbx_DOI 
PDB   400D         pdb_0000400d 10.2210/pdb400d/pdb 
RCSB  ZD0001       ?            ?                   
WWPDB D_1000179201 ?            ?                   
# 
loop_
_pdbx_audit_revision_history.ordinal 
_pdbx_audit_revision_history.data_content_type 
_pdbx_audit_revision_history.major_revision 
_pdbx_audit_revision_history.minor_revision 
_pdbx_audit_revision_history.revision_date 
1 'Structure model' 1 0 1998-07-09 
2 'Structure model' 1 1 2008-05-22 
3 'Structure model' 1 2 2011-07-13 
4 'Structure model' 1 3 2017-05-03 
5 'Structure model' 1 4 2018-03-07 
6 'Structure model' 1 5 2024-02-28 
# 
_pdbx_audit_revision_details.ordinal             1 
_pdbx_audit_revision_details.revision_ordinal    1 
_pdbx_audit_revision_details.data_content_type   'Structure model' 
_pdbx_audit_revision_details.provider            repository 
_pdbx_audit_revision_details.type                'Initial release' 
_pdbx_audit_revision_details.description         ? 
_pdbx_audit_revision_details.details             ? 
# 
loop_
_pdbx_audit_revision_group.ordinal 
_pdbx_audit_revision_group.revision_ordinal 
_pdbx_audit_revision_group.data_content_type 
_pdbx_audit_revision_group.group 
1 2 'Structure model' 'Version format compliance' 
2 3 'Structure model' 'Version format compliance' 
3 4 'Structure model' 'Source and taxonomy'       
4 4 'Structure model' 'Structure summary'         
5 5 'Structure model' 'Data collection'           
6 6 'Structure model' 'Data collection'           
7 6 'Structure model' 'Database references'       
8 6 'Structure model' 'Derived calculations'      
# 
loop_
_pdbx_audit_revision_category.ordinal 
_pdbx_audit_revision_category.revision_ordinal 
_pdbx_audit_revision_category.data_content_type 
_pdbx_audit_revision_category.category 
1 5 'Structure model' diffrn_source  
2 6 'Structure model' chem_comp_atom 
3 6 'Structure model' chem_comp_bond 
4 6 'Structure model' database_2     
5 6 'Structure model' struct_conn    
# 
loop_
_pdbx_audit_revision_item.ordinal 
_pdbx_audit_revision_item.revision_ordinal 
_pdbx_audit_revision_item.data_content_type 
_pdbx_audit_revision_item.item 
1 5 'Structure model' '_diffrn_source.source'               
2 6 'Structure model' '_database_2.pdbx_DOI'                
3 6 'Structure model' '_database_2.pdbx_database_accession' 
4 6 'Structure model' '_struct_conn.pdbx_leaving_atom_flag' 
# 
_pdbx_database_status.status_code                     REL 
_pdbx_database_status.entry_id                        400D 
_pdbx_database_status.recvd_initial_deposition_date   1998-05-28 
_pdbx_database_status.deposit_site                    NDB 
_pdbx_database_status.process_site                    NDB 
_pdbx_database_status.status_code_sf                  REL 
_pdbx_database_status.status_code_mr                  ? 
_pdbx_database_status.SG_entry                        ? 
_pdbx_database_status.pdb_format_compatible           Y 
_pdbx_database_status.status_code_cs                  ? 
_pdbx_database_status.methods_development_category    ? 
_pdbx_database_status.status_code_nmr_data            ? 
# 
loop_
_audit_author.name 
_audit_author.pdbx_ordinal 
_audit_author.identifier_ORCID 
'Eichman, B.F.' 1 ? 
'Basham, B.'    2 ? 
'Schroth, G.P.' 3 ? 
'Ho, P.S.'      4 ? 
# 
_citation.id                        primary 
_citation.title                     'The intrinsic structure and stability of out-of-alternation base pairs in Z-DNA.' 
_citation.journal_abbrev            'Nucleic Acids Res.' 
_citation.journal_volume            27 
_citation.page_first                543 
_citation.page_last                 550 
_citation.year                      1999 
_citation.journal_id_ASTM           NARHAD 
_citation.country                   UK 
_citation.journal_id_ISSN           0305-1048 
_citation.journal_id_CSD            0389 
_citation.book_publisher            ? 
_citation.pdbx_database_id_PubMed   9862978 
_citation.pdbx_database_id_DOI      10.1093/nar/27.2.543 
# 
loop_
_citation_author.citation_id 
_citation_author.name 
_citation_author.ordinal 
_citation_author.identifier_ORCID 
primary 'Eichman, B.F.' 1 ? 
primary 'Schroth, G.P.' 2 ? 
primary 'Basham, B.E.'  3 ? 
primary 'Ho, P.S.'      4 ? 
# 
loop_
_entity.id 
_entity.type 
_entity.src_method 
_entity.pdbx_description 
_entity.formula_weight 
_entity.pdbx_number_of_molecules 
_entity.pdbx_ec 
_entity.pdbx_mutation 
_entity.pdbx_fragment 
_entity.details 
1 polymer syn 
;DNA (5'-D(*(5CM)P*GP*GP*CP*(5CM)P*G)-3')
;
1838.259 2  ? ? ? ? 
2 water   nat water                                      18.015   35 ? ? ? ? 
# 
_entity_poly.entity_id                      1 
_entity_poly.type                           polydeoxyribonucleotide 
_entity_poly.nstd_linkage                   no 
_entity_poly.nstd_monomer                   yes 
_entity_poly.pdbx_seq_one_letter_code       '(5CM)(DG)(DG)(DC)(5CM)(DG)' 
_entity_poly.pdbx_seq_one_letter_code_can   CGGCCG 
_entity_poly.pdbx_strand_id                 A,B 
_entity_poly.pdbx_target_identifier         ? 
# 
_pdbx_entity_nonpoly.entity_id   2 
_pdbx_entity_nonpoly.name        water 
_pdbx_entity_nonpoly.comp_id     HOH 
# 
loop_
_entity_poly_seq.entity_id 
_entity_poly_seq.num 
_entity_poly_seq.mon_id 
_entity_poly_seq.hetero 
1 1 5CM n 
1 2 DG  n 
1 3 DG  n 
1 4 DC  n 
1 5 5CM n 
1 6 DG  n 
# 
_pdbx_entity_src_syn.entity_id              1 
_pdbx_entity_src_syn.pdbx_src_id            1 
_pdbx_entity_src_syn.pdbx_alt_source_flag   sample 
_pdbx_entity_src_syn.pdbx_beg_seq_num       ? 
_pdbx_entity_src_syn.pdbx_end_seq_num       ? 
_pdbx_entity_src_syn.organism_scientific    'synthetic construct' 
_pdbx_entity_src_syn.organism_common_name   ? 
_pdbx_entity_src_syn.ncbi_taxonomy_id       32630 
_pdbx_entity_src_syn.details                ? 
# 
loop_
_chem_comp.id 
_chem_comp.type 
_chem_comp.mon_nstd_flag 
_chem_comp.name 
_chem_comp.pdbx_synonyms 
_chem_comp.formula 
_chem_comp.formula_weight 
5CM 'DNA linking' n "5-METHYL-2'-DEOXY-CYTIDINE-5'-MONOPHOSPHATE" ? 'C10 H16 N3 O7 P' 321.224 
DC  'DNA linking' y "2'-DEOXYCYTIDINE-5'-MONOPHOSPHATE"           ? 'C9 H14 N3 O7 P'  307.197 
DG  'DNA linking' y "2'-DEOXYGUANOSINE-5'-MONOPHOSPHATE"          ? 'C10 H14 N5 O7 P' 347.221 
HOH non-polymer   . WATER                                         ? 'H2 O'            18.015  
# 
loop_
_pdbx_poly_seq_scheme.asym_id 
_pdbx_poly_seq_scheme.entity_id 
_pdbx_poly_seq_scheme.seq_id 
_pdbx_poly_seq_scheme.mon_id 
_pdbx_poly_seq_scheme.ndb_seq_num 
_pdbx_poly_seq_scheme.pdb_seq_num 
_pdbx_poly_seq_scheme.auth_seq_num 
_pdbx_poly_seq_scheme.pdb_mon_id 
_pdbx_poly_seq_scheme.auth_mon_id 
_pdbx_poly_seq_scheme.pdb_strand_id 
_pdbx_poly_seq_scheme.pdb_ins_code 
_pdbx_poly_seq_scheme.hetero 
A 1 1 5CM 1 1  1  5CM +C A . n 
A 1 2 DG  2 2  2  DG  G  A . n 
A 1 3 DG  3 3  3  DG  G  A . n 
A 1 4 DC  4 4  4  DC  C  A . n 
A 1 5 5CM 5 5  5  5CM +C A . n 
A 1 6 DG  6 6  6  DG  G  A . n 
B 1 1 5CM 1 7  7  5CM +C B . n 
B 1 2 DG  2 8  8  DG  G  B . n 
B 1 3 DG  3 9  9  DG  G  B . n 
B 1 4 DC  4 10 10 DC  C  B . n 
B 1 5 5CM 5 11 11 5CM +C B . n 
B 1 6 DG  6 12 12 DG  G  B . n 
# 
loop_
_pdbx_nonpoly_scheme.asym_id 
_pdbx_nonpoly_scheme.entity_id 
_pdbx_nonpoly_scheme.mon_id 
_pdbx_nonpoly_scheme.ndb_seq_num 
_pdbx_nonpoly_scheme.pdb_seq_num 
_pdbx_nonpoly_scheme.auth_seq_num 
_pdbx_nonpoly_scheme.pdb_mon_id 
_pdbx_nonpoly_scheme.auth_mon_id 
_pdbx_nonpoly_scheme.pdb_strand_id 
_pdbx_nonpoly_scheme.pdb_ins_code 
C 2 HOH 1  13 13 HOH HOH A . 
C 2 HOH 2  15 15 HOH HOH A . 
C 2 HOH 3  16 16 HOH HOH A . 
C 2 HOH 4  18 18 HOH HOH A . 
C 2 HOH 5  19 19 HOH HOH A . 
C 2 HOH 6  23 23 HOH HOH A . 
C 2 HOH 7  24 24 HOH HOH A . 
C 2 HOH 8  25 25 HOH HOH A . 
C 2 HOH 9  26 26 HOH HOH A . 
C 2 HOH 10 30 30 HOH HOH A . 
C 2 HOH 11 31 31 HOH HOH A . 
C 2 HOH 12 32 32 HOH HOH A . 
C 2 HOH 13 33 33 HOH HOH A . 
C 2 HOH 14 34 34 HOH HOH A . 
C 2 HOH 15 37 37 HOH HOH A . 
C 2 HOH 16 39 39 HOH HOH A . 
C 2 HOH 17 41 41 HOH HOH A . 
C 2 HOH 18 43 43 HOH HOH A . 
C 2 HOH 19 45 45 HOH HOH A . 
D 2 HOH 1  14 14 HOH HOH B . 
D 2 HOH 2  17 17 HOH HOH B . 
D 2 HOH 3  20 20 HOH HOH B . 
D 2 HOH 4  21 21 HOH HOH B . 
D 2 HOH 5  22 22 HOH HOH B . 
D 2 HOH 6  27 27 HOH HOH B . 
D 2 HOH 7  28 28 HOH HOH B . 
D 2 HOH 8  29 29 HOH HOH B . 
D 2 HOH 9  35 35 HOH HOH B . 
D 2 HOH 10 36 36 HOH HOH B . 
D 2 HOH 11 38 38 HOH HOH B . 
D 2 HOH 12 40 40 HOH HOH B . 
D 2 HOH 13 42 42 HOH HOH B . 
D 2 HOH 14 44 44 HOH HOH B . 
D 2 HOH 15 46 46 HOH HOH B . 
D 2 HOH 16 47 47 HOH HOH B . 
# 
loop_
_software.name 
_software.classification 
_software.version 
_software.citation_id 
_software.pdbx_ordinal 
X-PLOR refinement       3.1 ? 1 
XSCANS 'data reduction' .   ? 2 
XSCANS 'data scaling'   .   ? 3 
# 
_cell.entry_id           400D 
_cell.length_a           17.790 
_cell.length_b           30.900 
_cell.length_c           44.360 
_cell.angle_alpha        90.00 
_cell.angle_beta         90.00 
_cell.angle_gamma        90.00 
_cell.Z_PDB              8 
_cell.pdbx_unique_axis   ? 
# 
_symmetry.entry_id                         400D 
_symmetry.space_group_name_H-M             'P 21 21 21' 
_symmetry.pdbx_full_space_group_name_H-M   ? 
_symmetry.cell_setting                     ? 
_symmetry.Int_Tables_number                19 
# 
_exptl.entry_id          400D 
_exptl.method            'X-RAY DIFFRACTION' 
_exptl.crystals_number   1 
# 
_exptl_crystal.id                    1 
_exptl_crystal.density_meas          ? 
_exptl_crystal.density_Matthews      1.66 
_exptl_crystal.density_percent_sol   25.82 
_exptl_crystal.description           ? 
# 
_exptl_crystal_grow.crystal_id      1 
_exptl_crystal_grow.method          'VAPOR DIFFUSION' 
_exptl_crystal_grow.temp            ? 
_exptl_crystal_grow.temp_details    ? 
_exptl_crystal_grow.pH              7.00 
_exptl_crystal_grow.pdbx_details    'pH 7.00, VAPOR DIFFUSION' 
_exptl_crystal_grow.pdbx_pH_range   ? 
# 
_diffrn.id                     1 
_diffrn.ambient_temp           298.00 
_diffrn.ambient_temp_details   ? 
_diffrn.crystal_id             1 
# 
_diffrn_detector.diffrn_id              1 
_diffrn_detector.detector               DIFFRACTOMETER 
_diffrn_detector.type                   SIEMENS 
_diffrn_detector.pdbx_collection_date   1992-06-01 
_diffrn_detector.details                ? 
# 
_diffrn_radiation.diffrn_id                        1 
_diffrn_radiation.wavelength_id                    1 
_diffrn_radiation.pdbx_monochromatic_or_laue_m_l   ? 
_diffrn_radiation.monochromator                    ? 
_diffrn_radiation.pdbx_diffrn_protocol             ? 
_diffrn_radiation.pdbx_scattering_type             x-ray 
# 
_diffrn_radiation_wavelength.id           1 
_diffrn_radiation_wavelength.wavelength   . 
_diffrn_radiation_wavelength.wt           1.0 
# 
_diffrn_source.diffrn_id                   1 
_diffrn_source.source                      'ROTATING ANODE' 
_diffrn_source.type                        SIEMENS 
_diffrn_source.pdbx_synchrotron_site       ? 
_diffrn_source.pdbx_synchrotron_beamline   ? 
_diffrn_source.pdbx_wavelength             ? 
_diffrn_source.pdbx_wavelength_list        ? 
# 
_reflns.entry_id                     400D 
_reflns.observed_criterion_sigma_I   3.000 
_reflns.observed_criterion_sigma_F   ? 
_reflns.d_resolution_low             ? 
_reflns.d_resolution_high            ? 
_reflns.number_obs                   3197 
_reflns.number_all                   ? 
_reflns.percent_possible_obs         ? 
_reflns.pdbx_Rmerge_I_obs            0.03 
_reflns.pdbx_Rsym_value              ? 
_reflns.pdbx_netI_over_sigmaI        ? 
_reflns.B_iso_Wilson_estimate        ? 
_reflns.pdbx_redundancy              10.00 
_reflns.pdbx_diffrn_id               1 
_reflns.pdbx_ordinal                 1 
# 
_refine.entry_id                                 400D 
_refine.ls_number_reflns_obs                     1875 
_refine.ls_number_reflns_all                     ? 
_refine.pdbx_ls_sigma_I                          ? 
_refine.pdbx_ls_sigma_F                          3.000 
_refine.pdbx_data_cutoff_high_absF               ? 
_refine.pdbx_data_cutoff_low_absF                ? 
_refine.pdbx_data_cutoff_high_rms_absF           ? 
_refine.ls_d_res_low                             8.000 
_refine.ls_d_res_high                            1.650 
_refine.ls_percent_reflns_obs                    ? 
_refine.ls_R_factor_obs                          0.196 
_refine.ls_R_factor_all                          ? 
_refine.ls_R_factor_R_work                       0.196 
_refine.ls_R_factor_R_free                       0.248 
_refine.ls_R_factor_R_free_error                 ? 
_refine.ls_R_factor_R_free_error_details         ? 
_refine.ls_percent_reflns_R_free                 10.000 
_refine.ls_number_reflns_R_free                  ? 
_refine.ls_number_parameters                     ? 
_refine.ls_number_restraints                     ? 
_refine.occupancy_min                            1.00 
_refine.occupancy_max                            1.00 
_refine.B_iso_mean                               ? 
_refine.aniso_B[1][1]                            ? 
_refine.aniso_B[2][2]                            ? 
_refine.aniso_B[3][3]                            ? 
_refine.aniso_B[1][2]                            ? 
_refine.aniso_B[1][3]                            ? 
_refine.aniso_B[2][3]                            ? 
_refine.solvent_model_details                    ? 
_refine.solvent_model_param_ksol                 ? 
_refine.solvent_model_param_bsol                 ? 
_refine.pdbx_ls_cross_valid_method               ? 
_refine.details                                  ? 
_refine.pdbx_starting_model                      ? 
_refine.pdbx_method_to_determine_struct          ? 
_refine.pdbx_isotropic_thermal_model             ISOTROPIC 
_refine.pdbx_stereochemistry_target_values       ? 
_refine.pdbx_stereochem_target_val_spec_case     ? 
_refine.pdbx_R_Free_selection_details            ? 
_refine.pdbx_overall_ESU_R                       ? 
_refine.pdbx_overall_ESU_R_Free                  ? 
_refine.overall_SU_ML                            ? 
_refine.overall_SU_B                             ? 
_refine.pdbx_refine_id                           'X-RAY DIFFRACTION' 
_refine.pdbx_diffrn_id                           1 
_refine.pdbx_TLS_residual_ADP_flag               ? 
_refine.correlation_coeff_Fo_to_Fc               ? 
_refine.correlation_coeff_Fo_to_Fc_free          ? 
_refine.pdbx_solvent_vdw_probe_radii             ? 
_refine.pdbx_solvent_ion_probe_radii             ? 
_refine.pdbx_solvent_shrinkage_radii             ? 
_refine.pdbx_overall_phase_error                 ? 
_refine.overall_SU_R_Cruickshank_DPI             ? 
_refine.pdbx_overall_SU_R_free_Cruickshank_DPI   ? 
_refine.pdbx_overall_SU_R_Blow_DPI               ? 
_refine.pdbx_overall_SU_R_free_Blow_DPI          ? 
# 
_refine_hist.pdbx_refine_id                   'X-RAY DIFFRACTION' 
_refine_hist.cycle_id                         LAST 
_refine_hist.pdbx_number_atoms_protein        0 
_refine_hist.pdbx_number_atoms_nucleic_acid   240 
_refine_hist.pdbx_number_atoms_ligand         4 
_refine_hist.number_atoms_solvent             35 
_refine_hist.number_atoms_total               279 
_refine_hist.d_res_high                       1.650 
_refine_hist.d_res_low                        8.000 
# 
loop_
_refine_ls_restr.type 
_refine_ls_restr.dev_ideal 
_refine_ls_restr.dev_ideal_target 
_refine_ls_restr.weight 
_refine_ls_restr.number 
_refine_ls_restr.pdbx_refine_id 
_refine_ls_restr.pdbx_restraint_function 
x_bond_d                0.008 ? ? ? 'X-RAY DIFFRACTION' ? 
x_bond_d_na             ?     ? ? ? 'X-RAY DIFFRACTION' ? 
x_bond_d_prot           ?     ? ? ? 'X-RAY DIFFRACTION' ? 
x_angle_d               ?     ? ? ? 'X-RAY DIFFRACTION' ? 
x_angle_d_na            ?     ? ? ? 'X-RAY DIFFRACTION' ? 
x_angle_d_prot          ?     ? ? ? 'X-RAY DIFFRACTION' ? 
x_angle_deg             1.47  ? ? ? 'X-RAY DIFFRACTION' ? 
x_angle_deg_na          ?     ? ? ? 'X-RAY DIFFRACTION' ? 
x_angle_deg_prot        ?     ? ? ? 'X-RAY DIFFRACTION' ? 
x_dihedral_angle_d      ?     ? ? ? 'X-RAY DIFFRACTION' ? 
x_dihedral_angle_d_na   ?     ? ? ? 'X-RAY DIFFRACTION' ? 
x_dihedral_angle_d_prot ?     ? ? ? 'X-RAY DIFFRACTION' ? 
x_improper_angle_d      ?     ? ? ? 'X-RAY DIFFRACTION' ? 
x_improper_angle_d_na   ?     ? ? ? 'X-RAY DIFFRACTION' ? 
x_improper_angle_d_prot ?     ? ? ? 'X-RAY DIFFRACTION' ? 
x_mcbond_it             ?     ? ? ? 'X-RAY DIFFRACTION' ? 
x_mcangle_it            ?     ? ? ? 'X-RAY DIFFRACTION' ? 
x_scbond_it             ?     ? ? ? 'X-RAY DIFFRACTION' ? 
x_scangle_it            ?     ? ? ? 'X-RAY DIFFRACTION' ? 
# 
_refine_ls_shell.pdbx_total_number_of_bins_used   8 
_refine_ls_shell.d_res_high                       1.93 
_refine_ls_shell.d_res_low                        2.07 
_refine_ls_shell.number_reflns_R_work             187 
_refine_ls_shell.R_factor_R_work                  0.23 
_refine_ls_shell.percent_reflns_obs               53.10 
_refine_ls_shell.R_factor_R_free                  0.326 
_refine_ls_shell.R_factor_R_free_error            ? 
_refine_ls_shell.percent_reflns_R_free            9.00 
_refine_ls_shell.number_reflns_R_free             ? 
_refine_ls_shell.pdbx_refine_id                   'X-RAY DIFFRACTION' 
_refine_ls_shell.number_reflns_all                ? 
_refine_ls_shell.R_factor_all                     ? 
# 
_pdbx_xplor_file.serial_no        1 
_pdbx_xplor_file.param_file       DNA-RNA.PARAM 
_pdbx_xplor_file.topol_file       DNA-RNA.TOP 
_pdbx_xplor_file.pdbx_refine_id   'X-RAY DIFFRACTION' 
# 
_struct.entry_id                  400D 
_struct.title                     'THE INTRINSIC STRUCTURE AND STABILITY OF OUT-OF-ALTERNATION BASE PAIRS IN Z-DNA' 
_struct.pdbx_model_details        ? 
_struct.pdbx_CASP_flag            ? 
_struct.pdbx_model_type_details   ? 
# 
_struct_keywords.entry_id        400D 
_struct_keywords.pdbx_keywords   DNA 
_struct_keywords.text            'Z-DNA DOUBLE HELIX, DNA' 
# 
loop_
_struct_asym.id 
_struct_asym.pdbx_blank_PDB_chainid_flag 
_struct_asym.pdbx_modified 
_struct_asym.entity_id 
_struct_asym.details 
A N N 1 ? 
B N N 1 ? 
C N N 2 ? 
D N N 2 ? 
# 
_struct_ref.id                         1 
_struct_ref.entity_id                  1 
_struct_ref.db_name                    PDB 
_struct_ref.db_code                    400D 
_struct_ref.pdbx_db_accession          400D 
_struct_ref.pdbx_db_isoform            ? 
_struct_ref.pdbx_seq_one_letter_code   ? 
_struct_ref.pdbx_align_begin           ? 
# 
loop_
_struct_ref_seq.align_id 
_struct_ref_seq.ref_id 
_struct_ref_seq.pdbx_PDB_id_code 
_struct_ref_seq.pdbx_strand_id 
_struct_ref_seq.seq_align_beg 
_struct_ref_seq.pdbx_seq_align_beg_ins_code 
_struct_ref_seq.seq_align_end 
_struct_ref_seq.pdbx_seq_align_end_ins_code 
_struct_ref_seq.pdbx_db_accession 
_struct_ref_seq.db_align_beg 
_struct_ref_seq.pdbx_db_align_beg_ins_code 
_struct_ref_seq.db_align_end 
_struct_ref_seq.pdbx_db_align_end_ins_code 
_struct_ref_seq.pdbx_auth_seq_align_beg 
_struct_ref_seq.pdbx_auth_seq_align_end 
1 1 400D A 1 ? 6 ? 400D 1 ? 6  ? 1 6  
2 1 400D B 1 ? 6 ? 400D 7 ? 12 ? 7 12 
# 
_pdbx_struct_assembly.id                   1 
_pdbx_struct_assembly.details              author_defined_assembly 
_pdbx_struct_assembly.method_details       ? 
_pdbx_struct_assembly.oligomeric_details   dimeric 
_pdbx_struct_assembly.oligomeric_count     2 
# 
_pdbx_struct_assembly_gen.assembly_id       1 
_pdbx_struct_assembly_gen.oper_expression   1 
_pdbx_struct_assembly_gen.asym_id_list      A,B,C,D 
# 
_pdbx_struct_oper_list.id                   1 
_pdbx_struct_oper_list.type                 'identity operation' 
_pdbx_struct_oper_list.name                 1_555 
_pdbx_struct_oper_list.symmetry_operation   x,y,z 
_pdbx_struct_oper_list.matrix[1][1]         1.0000000000 
_pdbx_struct_oper_list.matrix[1][2]         0.0000000000 
_pdbx_struct_oper_list.matrix[1][3]         0.0000000000 
_pdbx_struct_oper_list.vector[1]            0.0000000000 
_pdbx_struct_oper_list.matrix[2][1]         0.0000000000 
_pdbx_struct_oper_list.matrix[2][2]         1.0000000000 
_pdbx_struct_oper_list.matrix[2][3]         0.0000000000 
_pdbx_struct_oper_list.vector[2]            0.0000000000 
_pdbx_struct_oper_list.matrix[3][1]         0.0000000000 
_pdbx_struct_oper_list.matrix[3][2]         0.0000000000 
_pdbx_struct_oper_list.matrix[3][3]         1.0000000000 
_pdbx_struct_oper_list.vector[3]            0.0000000000 
# 
loop_
_struct_conn.id 
_struct_conn.conn_type_id 
_struct_conn.pdbx_leaving_atom_flag 
_struct_conn.pdbx_PDB_id 
_struct_conn.ptnr1_label_asym_id 
_struct_conn.ptnr1_label_comp_id 
_struct_conn.ptnr1_label_seq_id 
_struct_conn.ptnr1_label_atom_id 
_struct_conn.pdbx_ptnr1_label_alt_id 
_struct_conn.pdbx_ptnr1_PDB_ins_code 
_struct_conn.pdbx_ptnr1_standard_comp_id 
_struct_conn.ptnr1_symmetry 
_struct_conn.ptnr2_label_asym_id 
_struct_conn.ptnr2_label_comp_id 
_struct_conn.ptnr2_label_seq_id 
_struct_conn.ptnr2_label_atom_id 
_struct_conn.pdbx_ptnr2_label_alt_id 
_struct_conn.pdbx_ptnr2_PDB_ins_code 
_struct_conn.ptnr1_auth_asym_id 
_struct_conn.ptnr1_auth_comp_id 
_struct_conn.ptnr1_auth_seq_id 
_struct_conn.ptnr2_auth_asym_id 
_struct_conn.ptnr2_auth_comp_id 
_struct_conn.ptnr2_auth_seq_id 
_struct_conn.ptnr2_symmetry 
_struct_conn.pdbx_ptnr3_label_atom_id 
_struct_conn.pdbx_ptnr3_label_seq_id 
_struct_conn.pdbx_ptnr3_label_comp_id 
_struct_conn.pdbx_ptnr3_label_asym_id 
_struct_conn.pdbx_ptnr3_label_alt_id 
_struct_conn.pdbx_ptnr3_PDB_ins_code 
_struct_conn.details 
_struct_conn.pdbx_dist_value 
_struct_conn.pdbx_value_order 
_struct_conn.pdbx_role 
covale1  covale both ? A 5CM 1 "O3'" ? ? ? 1_555 A DG  2 P  ? ? A 5CM 1  A DG  2  1_555 ? ? ? ? ? ? ?            1.609 ? ? 
covale2  covale both ? A DC  4 "O3'" ? ? ? 1_555 A 5CM 5 P  ? ? A DC  4  A 5CM 5  1_555 ? ? ? ? ? ? ?            1.602 ? ? 
covale3  covale both ? A 5CM 5 "O3'" ? ? ? 1_555 A DG  6 P  ? ? A 5CM 5  A DG  6  1_555 ? ? ? ? ? ? ?            1.602 ? ? 
covale4  covale both ? B 5CM 1 "O3'" ? ? ? 1_555 B DG  2 P  ? ? B 5CM 7  B DG  8  1_555 ? ? ? ? ? ? ?            1.609 ? ? 
covale5  covale both ? B DC  4 "O3'" ? ? ? 1_555 B 5CM 5 P  ? ? B DC  10 B 5CM 11 1_555 ? ? ? ? ? ? ?            1.622 ? ? 
covale6  covale both ? B 5CM 5 "O3'" ? ? ? 1_555 B DG  6 P  ? ? B 5CM 11 B DG  12 1_555 ? ? ? ? ? ? ?            1.603 ? ? 
hydrog1  hydrog ?    ? A 5CM 1 N3    ? ? ? 1_555 B DG  6 N1 ? ? A 5CM 1  B DG  12 1_555 ? ? ? ? ? ? WATSON-CRICK ?     ? ? 
hydrog2  hydrog ?    ? A 5CM 1 N4    ? ? ? 1_555 B DG  6 O6 ? ? A 5CM 1  B DG  12 1_555 ? ? ? ? ? ? WATSON-CRICK ?     ? ? 
hydrog3  hydrog ?    ? A 5CM 1 O2    ? ? ? 1_555 B DG  6 N2 ? ? A 5CM 1  B DG  12 1_555 ? ? ? ? ? ? WATSON-CRICK ?     ? ? 
hydrog4  hydrog ?    ? A DG  2 N1    ? ? ? 1_555 B 5CM 5 N3 ? ? A DG  2  B 5CM 11 1_555 ? ? ? ? ? ? WATSON-CRICK ?     ? ? 
hydrog5  hydrog ?    ? A DG  2 N2    ? ? ? 1_555 B 5CM 5 O2 ? ? A DG  2  B 5CM 11 1_555 ? ? ? ? ? ? WATSON-CRICK ?     ? ? 
hydrog6  hydrog ?    ? A DG  2 O6    ? ? ? 1_555 B 5CM 5 N4 ? ? A DG  2  B 5CM 11 1_555 ? ? ? ? ? ? WATSON-CRICK ?     ? ? 
hydrog7  hydrog ?    ? A DG  3 N1    ? ? ? 1_555 B DC  4 N3 ? ? A DG  3  B DC  10 1_555 ? ? ? ? ? ? WATSON-CRICK ?     ? ? 
hydrog8  hydrog ?    ? A DG  3 N2    ? ? ? 1_555 B DC  4 O2 ? ? A DG  3  B DC  10 1_555 ? ? ? ? ? ? WATSON-CRICK ?     ? ? 
hydrog9  hydrog ?    ? A DG  3 O6    ? ? ? 1_555 B DC  4 N4 ? ? A DG  3  B DC  10 1_555 ? ? ? ? ? ? WATSON-CRICK ?     ? ? 
hydrog10 hydrog ?    ? A DC  4 N3    ? ? ? 1_555 B DG  3 N1 ? ? A DC  4  B DG  9  1_555 ? ? ? ? ? ? WATSON-CRICK ?     ? ? 
hydrog11 hydrog ?    ? A DC  4 N4    ? ? ? 1_555 B DG  3 O6 ? ? A DC  4  B DG  9  1_555 ? ? ? ? ? ? WATSON-CRICK ?     ? ? 
hydrog12 hydrog ?    ? A DC  4 O2    ? ? ? 1_555 B DG  3 N2 ? ? A DC  4  B DG  9  1_555 ? ? ? ? ? ? WATSON-CRICK ?     ? ? 
hydrog13 hydrog ?    ? A 5CM 5 N3    ? ? ? 1_555 B DG  2 N1 ? ? A 5CM 5  B DG  8  1_555 ? ? ? ? ? ? WATSON-CRICK ?     ? ? 
hydrog14 hydrog ?    ? A 5CM 5 N4    ? ? ? 1_555 B DG  2 O6 ? ? A 5CM 5  B DG  8  1_555 ? ? ? ? ? ? WATSON-CRICK ?     ? ? 
hydrog15 hydrog ?    ? A 5CM 5 O2    ? ? ? 1_555 B DG  2 N2 ? ? A 5CM 5  B DG  8  1_555 ? ? ? ? ? ? WATSON-CRICK ?     ? ? 
hydrog16 hydrog ?    ? A DG  6 N1    ? ? ? 1_555 B 5CM 1 N3 ? ? A DG  6  B 5CM 7  1_555 ? ? ? ? ? ? WATSON-CRICK ?     ? ? 
hydrog17 hydrog ?    ? A DG  6 N2    ? ? ? 1_555 B 5CM 1 O2 ? ? A DG  6  B 5CM 7  1_555 ? ? ? ? ? ? WATSON-CRICK ?     ? ? 
hydrog18 hydrog ?    ? A DG  6 O6    ? ? ? 1_555 B 5CM 1 N4 ? ? A DG  6  B 5CM 7  1_555 ? ? ? ? ? ? WATSON-CRICK ?     ? ? 
# 
loop_
_struct_conn_type.id 
_struct_conn_type.criteria 
_struct_conn_type.reference 
covale ? ? 
hydrog ? ? 
# 
_pdbx_validate_planes.id              1 
_pdbx_validate_planes.PDB_model_num   1 
_pdbx_validate_planes.auth_comp_id    DG 
_pdbx_validate_planes.auth_asym_id    A 
_pdbx_validate_planes.auth_seq_id     2 
_pdbx_validate_planes.PDB_ins_code    ? 
_pdbx_validate_planes.label_alt_id    ? 
_pdbx_validate_planes.rmsd            0.065 
_pdbx_validate_planes.type            'SIDE CHAIN' 
# 
loop_
_pdbx_struct_mod_residue.id 
_pdbx_struct_mod_residue.label_asym_id 
_pdbx_struct_mod_residue.label_comp_id 
_pdbx_struct_mod_residue.label_seq_id 
_pdbx_struct_mod_residue.auth_asym_id 
_pdbx_struct_mod_residue.auth_comp_id 
_pdbx_struct_mod_residue.auth_seq_id 
_pdbx_struct_mod_residue.PDB_ins_code 
_pdbx_struct_mod_residue.parent_comp_id 
_pdbx_struct_mod_residue.details 
1 A 5CM 1 A 5CM 1  ? DC ? 
2 A 5CM 5 A 5CM 5  ? DC ? 
3 B 5CM 1 B 5CM 7  ? DC ? 
4 B 5CM 5 B 5CM 11 ? DC ? 
# 
_refine_B_iso.class            1 
_refine_B_iso.details          ? 
_refine_B_iso.treatment        ? 
_refine_B_iso.pdbx_refine_id   'X-RAY DIFFRACTION' 
# 
_refine_occupancy.class            1 
_refine_occupancy.treatment        ? 
_refine_occupancy.pdbx_refine_id   'X-RAY DIFFRACTION' 
# 
loop_
_chem_comp_atom.comp_id 
_chem_comp_atom.atom_id 
_chem_comp_atom.type_symbol 
_chem_comp_atom.pdbx_aromatic_flag 
_chem_comp_atom.pdbx_stereo_config 
_chem_comp_atom.pdbx_ordinal 
5CM N1     N N N 1   
5CM C2     C N N 2   
5CM N3     N N N 3   
5CM C4     C N N 4   
5CM C5     C N N 5   
5CM C5A    C N N 6   
5CM C6     C N N 7   
5CM O2     O N N 8   
5CM N4     N N N 9   
5CM "C1'"  C N R 10  
5CM "C2'"  C N N 11  
5CM "C3'"  C N S 12  
5CM "C4'"  C N R 13  
5CM "O4'"  O N N 14  
5CM "O3'"  O N N 15  
5CM "C5'"  C N N 16  
5CM "O5'"  O N N 17  
5CM P      P N N 18  
5CM OP1    O N N 19  
5CM OP2    O N N 20  
5CM OP3    O N N 21  
5CM H5A1   H N N 22  
5CM H5A2   H N N 23  
5CM H5A3   H N N 24  
5CM H6     H N N 25  
5CM HN41   H N N 26  
5CM HN42   H N N 27  
5CM "H1'"  H N N 28  
5CM "H2'"  H N N 29  
5CM "H2''" H N N 30  
5CM "H3'"  H N N 31  
5CM "H4'"  H N N 32  
5CM "HO3'" H N N 33  
5CM "H5'"  H N N 34  
5CM "H5''" H N N 35  
5CM HOP2   H N N 36  
5CM HOP3   H N N 37  
DC  OP3    O N N 38  
DC  P      P N N 39  
DC  OP1    O N N 40  
DC  OP2    O N N 41  
DC  "O5'"  O N N 42  
DC  "C5'"  C N N 43  
DC  "C4'"  C N R 44  
DC  "O4'"  O N N 45  
DC  "C3'"  C N S 46  
DC  "O3'"  O N N 47  
DC  "C2'"  C N N 48  
DC  "C1'"  C N R 49  
DC  N1     N N N 50  
DC  C2     C N N 51  
DC  O2     O N N 52  
DC  N3     N N N 53  
DC  C4     C N N 54  
DC  N4     N N N 55  
DC  C5     C N N 56  
DC  C6     C N N 57  
DC  HOP3   H N N 58  
DC  HOP2   H N N 59  
DC  "H5'"  H N N 60  
DC  "H5''" H N N 61  
DC  "H4'"  H N N 62  
DC  "H3'"  H N N 63  
DC  "HO3'" H N N 64  
DC  "H2'"  H N N 65  
DC  "H2''" H N N 66  
DC  "H1'"  H N N 67  
DC  H41    H N N 68  
DC  H42    H N N 69  
DC  H5     H N N 70  
DC  H6     H N N 71  
DG  OP3    O N N 72  
DG  P      P N N 73  
DG  OP1    O N N 74  
DG  OP2    O N N 75  
DG  "O5'"  O N N 76  
DG  "C5'"  C N N 77  
DG  "C4'"  C N R 78  
DG  "O4'"  O N N 79  
DG  "C3'"  C N S 80  
DG  "O3'"  O N N 81  
DG  "C2'"  C N N 82  
DG  "C1'"  C N R 83  
DG  N9     N Y N 84  
DG  C8     C Y N 85  
DG  N7     N Y N 86  
DG  C5     C Y N 87  
DG  C6     C N N 88  
DG  O6     O N N 89  
DG  N1     N N N 90  
DG  C2     C N N 91  
DG  N2     N N N 92  
DG  N3     N N N 93  
DG  C4     C Y N 94  
DG  HOP3   H N N 95  
DG  HOP2   H N N 96  
DG  "H5'"  H N N 97  
DG  "H5''" H N N 98  
DG  "H4'"  H N N 99  
DG  "H3'"  H N N 100 
DG  "HO3'" H N N 101 
DG  "H2'"  H N N 102 
DG  "H2''" H N N 103 
DG  "H1'"  H N N 104 
DG  H8     H N N 105 
DG  H1     H N N 106 
DG  H21    H N N 107 
DG  H22    H N N 108 
HOH O      O N N 109 
HOH H1     H N N 110 
HOH H2     H N N 111 
# 
loop_
_chem_comp_bond.comp_id 
_chem_comp_bond.atom_id_1 
_chem_comp_bond.atom_id_2 
_chem_comp_bond.value_order 
_chem_comp_bond.pdbx_aromatic_flag 
_chem_comp_bond.pdbx_stereo_config 
_chem_comp_bond.pdbx_ordinal 
5CM N1    C2     sing N N 1   
5CM N1    C6     sing N N 2   
5CM N1    "C1'"  sing N N 3   
5CM C2    N3     sing N N 4   
5CM C2    O2     doub N N 5   
5CM N3    C4     doub N N 6   
5CM C4    C5     sing N N 7   
5CM C4    N4     sing N N 8   
5CM C5    C5A    sing N N 9   
5CM C5    C6     doub N N 10  
5CM C5A   H5A1   sing N N 11  
5CM C5A   H5A2   sing N N 12  
5CM C5A   H5A3   sing N N 13  
5CM C6    H6     sing N N 14  
5CM N4    HN41   sing N N 15  
5CM N4    HN42   sing N N 16  
5CM "C1'" "C2'"  sing N N 17  
5CM "C1'" "O4'"  sing N N 18  
5CM "C1'" "H1'"  sing N N 19  
5CM "C2'" "C3'"  sing N N 20  
5CM "C2'" "H2'"  sing N N 21  
5CM "C2'" "H2''" sing N N 22  
5CM "C3'" "C4'"  sing N N 23  
5CM "C3'" "O3'"  sing N N 24  
5CM "C3'" "H3'"  sing N N 25  
5CM "C4'" "O4'"  sing N N 26  
5CM "C4'" "C5'"  sing N N 27  
5CM "C4'" "H4'"  sing N N 28  
5CM "O3'" "HO3'" sing N N 29  
5CM "C5'" "O5'"  sing N N 30  
5CM "C5'" "H5'"  sing N N 31  
5CM "C5'" "H5''" sing N N 32  
5CM "O5'" P      sing N N 33  
5CM P     OP1    doub N N 34  
5CM P     OP2    sing N N 35  
5CM P     OP3    sing N N 36  
5CM OP2   HOP2   sing N N 37  
5CM OP3   HOP3   sing N N 38  
DC  OP3   P      sing N N 39  
DC  OP3   HOP3   sing N N 40  
DC  P     OP1    doub N N 41  
DC  P     OP2    sing N N 42  
DC  P     "O5'"  sing N N 43  
DC  OP2   HOP2   sing N N 44  
DC  "O5'" "C5'"  sing N N 45  
DC  "C5'" "C4'"  sing N N 46  
DC  "C5'" "H5'"  sing N N 47  
DC  "C5'" "H5''" sing N N 48  
DC  "C4'" "O4'"  sing N N 49  
DC  "C4'" "C3'"  sing N N 50  
DC  "C4'" "H4'"  sing N N 51  
DC  "O4'" "C1'"  sing N N 52  
DC  "C3'" "O3'"  sing N N 53  
DC  "C3'" "C2'"  sing N N 54  
DC  "C3'" "H3'"  sing N N 55  
DC  "O3'" "HO3'" sing N N 56  
DC  "C2'" "C1'"  sing N N 57  
DC  "C2'" "H2'"  sing N N 58  
DC  "C2'" "H2''" sing N N 59  
DC  "C1'" N1     sing N N 60  
DC  "C1'" "H1'"  sing N N 61  
DC  N1    C2     sing N N 62  
DC  N1    C6     sing N N 63  
DC  C2    O2     doub N N 64  
DC  C2    N3     sing N N 65  
DC  N3    C4     doub N N 66  
DC  C4    N4     sing N N 67  
DC  C4    C5     sing N N 68  
DC  N4    H41    sing N N 69  
DC  N4    H42    sing N N 70  
DC  C5    C6     doub N N 71  
DC  C5    H5     sing N N 72  
DC  C6    H6     sing N N 73  
DG  OP3   P      sing N N 74  
DG  OP3   HOP3   sing N N 75  
DG  P     OP1    doub N N 76  
DG  P     OP2    sing N N 77  
DG  P     "O5'"  sing N N 78  
DG  OP2   HOP2   sing N N 79  
DG  "O5'" "C5'"  sing N N 80  
DG  "C5'" "C4'"  sing N N 81  
DG  "C5'" "H5'"  sing N N 82  
DG  "C5'" "H5''" sing N N 83  
DG  "C4'" "O4'"  sing N N 84  
DG  "C4'" "C3'"  sing N N 85  
DG  "C4'" "H4'"  sing N N 86  
DG  "O4'" "C1'"  sing N N 87  
DG  "C3'" "O3'"  sing N N 88  
DG  "C3'" "C2'"  sing N N 89  
DG  "C3'" "H3'"  sing N N 90  
DG  "O3'" "HO3'" sing N N 91  
DG  "C2'" "C1'"  sing N N 92  
DG  "C2'" "H2'"  sing N N 93  
DG  "C2'" "H2''" sing N N 94  
DG  "C1'" N9     sing N N 95  
DG  "C1'" "H1'"  sing N N 96  
DG  N9    C8     sing Y N 97  
DG  N9    C4     sing Y N 98  
DG  C8    N7     doub Y N 99  
DG  C8    H8     sing N N 100 
DG  N7    C5     sing Y N 101 
DG  C5    C6     sing N N 102 
DG  C5    C4     doub Y N 103 
DG  C6    O6     doub N N 104 
DG  C6    N1     sing N N 105 
DG  N1    C2     sing N N 106 
DG  N1    H1     sing N N 107 
DG  C2    N2     sing N N 108 
DG  C2    N3     doub N N 109 
DG  N2    H21    sing N N 110 
DG  N2    H22    sing N N 111 
DG  N3    C4     sing N N 112 
HOH O     H1     sing N N 113 
HOH O     H2     sing N N 114 
# 
_ndb_struct_conf_na.entry_id   400D 
_ndb_struct_conf_na.feature    'z-form double helix' 
# 
loop_
_ndb_struct_na_base_pair.model_number 
_ndb_struct_na_base_pair.i_label_asym_id 
_ndb_struct_na_base_pair.i_label_comp_id 
_ndb_struct_na_base_pair.i_label_seq_id 
_ndb_struct_na_base_pair.i_symmetry 
_ndb_struct_na_base_pair.j_label_asym_id 
_ndb_struct_na_base_pair.j_label_comp_id 
_ndb_struct_na_base_pair.j_label_seq_id 
_ndb_struct_na_base_pair.j_symmetry 
_ndb_struct_na_base_pair.shear 
_ndb_struct_na_base_pair.stretch 
_ndb_struct_na_base_pair.stagger 
_ndb_struct_na_base_pair.buckle 
_ndb_struct_na_base_pair.propeller 
_ndb_struct_na_base_pair.opening 
_ndb_struct_na_base_pair.pair_number 
_ndb_struct_na_base_pair.pair_name 
_ndb_struct_na_base_pair.i_auth_asym_id 
_ndb_struct_na_base_pair.i_auth_seq_id 
_ndb_struct_na_base_pair.i_PDB_ins_code 
_ndb_struct_na_base_pair.j_auth_asym_id 
_ndb_struct_na_base_pair.j_auth_seq_id 
_ndb_struct_na_base_pair.j_PDB_ins_code 
_ndb_struct_na_base_pair.hbond_type_28 
_ndb_struct_na_base_pair.hbond_type_12 
1 A 5CM 1 1_555 B DG  6 1_555 -0.365 -0.133 0.024 5.327   0.397  0.889  1 A_5CM1:DG12_B A 1 ? B 12 ? 19 1 
1 A DG  2 1_555 B 5CM 5 1_555 0.426  -0.174 0.372 -0.700  2.500  1.163  2 A_DG2:5CM11_B A 2 ? B 11 ? 19 1 
1 A DG  3 1_555 B DC  4 1_555 -0.004 -0.225 0.662 13.093  1.834  1.078  3 A_DG3:DC10_B  A 3 ? B 10 ? 19 1 
1 A DC  4 1_555 B DG  3 1_555 -0.162 -0.065 0.432 -13.002 -3.315 0.394  4 A_DC4:DG9_B   A 4 ? B 9  ? 19 1 
1 A 5CM 5 1_555 B DG  2 1_555 -0.503 -0.141 0.185 4.043   0.173  -0.829 5 A_5CM5:DG8_B  A 5 ? B 8  ? 19 1 
1 A DG  6 1_555 B 5CM 1 1_555 0.355  -0.016 0.040 -3.373  0.257  0.016  6 A_DG6:5CM7_B  A 6 ? B 7  ? 19 1 
# 
loop_
_ndb_struct_na_base_pair_step.model_number 
_ndb_struct_na_base_pair_step.i_label_asym_id_1 
_ndb_struct_na_base_pair_step.i_label_comp_id_1 
_ndb_struct_na_base_pair_step.i_label_seq_id_1 
_ndb_struct_na_base_pair_step.i_symmetry_1 
_ndb_struct_na_base_pair_step.j_label_asym_id_1 
_ndb_struct_na_base_pair_step.j_label_comp_id_1 
_ndb_struct_na_base_pair_step.j_label_seq_id_1 
_ndb_struct_na_base_pair_step.j_symmetry_1 
_ndb_struct_na_base_pair_step.i_label_asym_id_2 
_ndb_struct_na_base_pair_step.i_label_comp_id_2 
_ndb_struct_na_base_pair_step.i_label_seq_id_2 
_ndb_struct_na_base_pair_step.i_symmetry_2 
_ndb_struct_na_base_pair_step.j_label_asym_id_2 
_ndb_struct_na_base_pair_step.j_label_comp_id_2 
_ndb_struct_na_base_pair_step.j_label_seq_id_2 
_ndb_struct_na_base_pair_step.j_symmetry_2 
_ndb_struct_na_base_pair_step.shift 
_ndb_struct_na_base_pair_step.slide 
_ndb_struct_na_base_pair_step.rise 
_ndb_struct_na_base_pair_step.tilt 
_ndb_struct_na_base_pair_step.roll 
_ndb_struct_na_base_pair_step.twist 
_ndb_struct_na_base_pair_step.x_displacement 
_ndb_struct_na_base_pair_step.y_displacement 
_ndb_struct_na_base_pair_step.helical_rise 
_ndb_struct_na_base_pair_step.inclination 
_ndb_struct_na_base_pair_step.tip 
_ndb_struct_na_base_pair_step.helical_twist 
_ndb_struct_na_base_pair_step.step_number 
_ndb_struct_na_base_pair_step.step_name 
_ndb_struct_na_base_pair_step.i_auth_asym_id_1 
_ndb_struct_na_base_pair_step.i_auth_seq_id_1 
_ndb_struct_na_base_pair_step.i_PDB_ins_code_1 
_ndb_struct_na_base_pair_step.j_auth_asym_id_1 
_ndb_struct_na_base_pair_step.j_auth_seq_id_1 
_ndb_struct_na_base_pair_step.j_PDB_ins_code_1 
_ndb_struct_na_base_pair_step.i_auth_asym_id_2 
_ndb_struct_na_base_pair_step.i_auth_seq_id_2 
_ndb_struct_na_base_pair_step.i_PDB_ins_code_2 
_ndb_struct_na_base_pair_step.j_auth_asym_id_2 
_ndb_struct_na_base_pair_step.j_auth_seq_id_2 
_ndb_struct_na_base_pair_step.j_PDB_ins_code_2 
1 A 5CM 1 1_555 B DG  6 1_555 A DG  2 1_555 B 5CM 5 1_555 0.105  5.554  3.862 0.009  0.074  -8.793  -36.431 0.709  3.816 -0.481 
0.057  -8.793  1 AA_5CM1DG2:5CM11DG12_BB A 1 ? B 12 ? A 2 ? B 11 ? 
1 A DG  2 1_555 B 5CM 5 1_555 A DG  3 1_555 B DC  4 1_555 0.161  -1.076 2.976 -3.215 -0.522 -49.161 1.327   -0.026 2.969 0.626  
-3.860 -49.262 2 AA_DG2DG3:DC105CM11_BB  A 2 ? B 11 ? A 3 ? B 10 ? 
1 A DC  4 1_555 B DG  3 1_555 A 5CM 5 1_555 B DG  2 1_555 -0.204 -1.086 3.012 4.449  0.297  -48.094 1.307   0.071  3.025 -0.363 
5.445  -48.288 3 AA_DC45CM5:DG8DG9_BB    A 4 ? B 9  ? A 5 ? B 8  ? 
1 A 5CM 5 1_555 B DG  2 1_555 A DG  6 1_555 B 5CM 1 1_555 0.136  5.540  3.763 -0.538 -1.291 -10.749 -26.748 -0.356 4.397 6.856  
-2.858 -10.839 4 AA_5CM5DG6:5CM7DG8_BB   A 5 ? B 8  ? A 6 ? B 7  ? 
# 
_atom_sites.entry_id                    400D 
_atom_sites.fract_transf_matrix[1][1]   -0.03379329 
_atom_sites.fract_transf_matrix[1][2]   -0.04139302 
_atom_sites.fract_transf_matrix[1][3]   0.01740894 
_atom_sites.fract_transf_matrix[2][1]   -0.00601001 
_atom_sites.fract_transf_matrix[2][2]   -0.00803274 
_atom_sites.fract_transf_matrix[2][3]   -0.03076564 
_atom_sites.fract_transf_matrix[3][1]   0.01751664 
_atom_sites.fract_transf_matrix[3][2]   -0.01418238 
_atom_sites.fract_transf_matrix[3][3]   0.00028110 
_atom_sites.fract_transf_vector[1]      0.791740 
_atom_sites.fract_transf_vector[2]      0.499374 
_atom_sites.fract_transf_vector[3]      0.625746 
# 
loop_
_atom_type.symbol 
C 
N 
O 
P 
# 
loop_
_atom_site.group_PDB 
_atom_site.id 
_atom_site.type_symbol 
_atom_site.label_atom_id 
_atom_site.label_alt_id 
_atom_site.label_comp_id 
_atom_site.label_asym_id 
_atom_site.label_entity_id 
_atom_site.label_seq_id 
_atom_site.pdbx_PDB_ins_code 
_atom_site.Cartn_x 
_atom_site.Cartn_y 
_atom_site.Cartn_z 
_atom_site.occupancy 
_atom_site.B_iso_or_equiv 
_atom_site.pdbx_formal_charge 
_atom_site.auth_seq_id 
_atom_site.auth_comp_id 
_atom_site.auth_asym_id 
_atom_site.auth_atom_id 
_atom_site.pdbx_PDB_model_num 
HETATM 1   N N1    . 5CM A 1 1 ? -8.210  4.106   -2.090  1.00 10.52 ? 1  5CM A N1    1 
HETATM 2   C C2    . 5CM A 1 1 ? -7.449  5.239   -2.423  1.00 10.33 ? 1  5CM A C2    1 
HETATM 3   N N3    . 5CM A 1 1 ? -7.308  5.573   -3.722  1.00 10.04 ? 1  5CM A N3    1 
HETATM 4   C C4    . 5CM A 1 1 ? -7.854  4.822   -4.672  1.00 9.94  ? 1  5CM A C4    1 
HETATM 5   C C5    . 5CM A 1 1 ? -8.605  3.649   -4.368  1.00 10.05 ? 1  5CM A C5    1 
HETATM 6   C C5A   . 5CM A 1 1 ? -9.185  2.826   -5.487  1.00 10.00 ? 1  5CM A C5A   1 
HETATM 7   C C6    . 5CM A 1 1 ? -8.755  3.330   -3.075  1.00 10.25 ? 1  5CM A C6    1 
HETATM 8   O O2    . 5CM A 1 1 ? -6.914  5.896   -1.498  1.00 9.85  ? 1  5CM A O2    1 
HETATM 9   N N4    . 5CM A 1 1 ? -7.677  5.224   -5.925  1.00 9.71  ? 1  5CM A N4    1 
HETATM 10  C "C1'" . 5CM A 1 1 ? -8.418  3.793   -0.665  1.00 11.02 ? 1  5CM A "C1'" 1 
HETATM 11  C "C2'" . 5CM A 1 1 ? -9.754  4.200   -0.083  1.00 11.38 ? 1  5CM A "C2'" 1 
HETATM 12  C "C3'" . 5CM A 1 1 ? -9.839  3.269   1.105   1.00 12.14 ? 1  5CM A "C3'" 1 
HETATM 13  C "C4'" . 5CM A 1 1 ? -9.208  1.983   0.572   1.00 11.71 ? 1  5CM A "C4'" 1 
HETATM 14  O "O4'" . 5CM A 1 1 ? -8.366  2.387   -0.522  1.00 11.25 ? 1  5CM A "O4'" 1 
HETATM 15  O "O3'" . 5CM A 1 1 ? -8.979  3.796   2.124   1.00 13.62 ? 1  5CM A "O3'" 1 
HETATM 16  C "C5'" . 5CM A 1 1 ? -10.136 0.898   0.076   1.00 11.69 ? 1  5CM A "C5'" 1 
HETATM 17  O "O5'" . 5CM A 1 1 ? -11.239 1.426   -0.677  1.00 12.09 ? 1  5CM A "O5'" 1 
ATOM   18  P P     . DG  A 1 2 ? -9.333  3.576   3.678   1.00 14.13 ? 2  DG  A P     1 
ATOM   19  O OP1   . DG  A 1 2 ? -10.814 3.692   3.795   1.00 14.49 ? 2  DG  A OP1   1 
ATOM   20  O OP2   . DG  A 1 2 ? -8.442  4.435   4.520   1.00 14.56 ? 2  DG  A OP2   1 
ATOM   21  O "O5'" . DG  A 1 2 ? -9.017  2.038   3.936   1.00 14.11 ? 2  DG  A "O5'" 1 
ATOM   22  C "C5'" . DG  A 1 2 ? -7.672  1.530   3.986   1.00 13.52 ? 2  DG  A "C5'" 1 
ATOM   23  C "C4'" . DG  A 1 2 ? -7.725  0.035   4.203   1.00 13.46 ? 2  DG  A "C4'" 1 
ATOM   24  O "O4'" . DG  A 1 2 ? -8.463  -0.532  3.108   1.00 13.18 ? 2  DG  A "O4'" 1 
ATOM   25  C "C3'" . DG  A 1 2 ? -6.354  -0.626  4.159   1.00 13.80 ? 2  DG  A "C3'" 1 
ATOM   26  O "O3'" . DG  A 1 2 ? -5.957  -0.837  5.509   1.00 14.29 ? 2  DG  A "O3'" 1 
ATOM   27  C "C2'" . DG  A 1 2 ? -6.603  -1.963  3.495   1.00 13.31 ? 2  DG  A "C2'" 1 
ATOM   28  C "C1'" . DG  A 1 2 ? -7.857  -1.735  2.669   1.00 13.12 ? 2  DG  A "C1'" 1 
ATOM   29  N N9    . DG  A 1 2 ? -7.641  -1.627  1.234   1.00 12.92 ? 2  DG  A N9    1 
ATOM   30  C C8    . DG  A 1 2 ? -8.212  -2.452  0.301   1.00 12.83 ? 2  DG  A C8    1 
ATOM   31  N N7    . DG  A 1 2 ? -7.918  -2.115  -0.922  1.00 12.72 ? 2  DG  A N7    1 
ATOM   32  C C5    . DG  A 1 2 ? -7.106  -0.994  -0.791  1.00 12.30 ? 2  DG  A C5    1 
ATOM   33  C C6    . DG  A 1 2 ? -6.580  -0.121  -1.792  1.00 12.29 ? 2  DG  A C6    1 
ATOM   34  O O6    . DG  A 1 2 ? -6.768  -0.150  -3.010  1.00 12.35 ? 2  DG  A O6    1 
ATOM   35  N N1    . DG  A 1 2 ? -5.799  0.892   -1.242  1.00 11.90 ? 2  DG  A N1    1 
ATOM   36  C C2    . DG  A 1 2 ? -5.637  1.098   0.101   1.00 11.55 ? 2  DG  A C2    1 
ATOM   37  N N2    . DG  A 1 2 ? -4.878  2.156   0.409   1.00 10.86 ? 2  DG  A N2    1 
ATOM   38  N N3    . DG  A 1 2 ? -6.178  0.333   1.049   1.00 11.87 ? 2  DG  A N3    1 
ATOM   39  C C4    . DG  A 1 2 ? -6.893  -0.695  0.533   1.00 12.31 ? 2  DG  A C4    1 
ATOM   40  P P     . DG  A 1 3 ? -4.747  0.040   6.108   1.00 14.78 ? 3  DG  A P     1 
ATOM   41  O OP1   . DG  A 1 3 ? -4.674  -0.387  7.542   1.00 14.61 ? 3  DG  A OP1   1 
ATOM   42  O OP2   . DG  A 1 3 ? -4.961  1.488   5.767   1.00 14.21 ? 3  DG  A OP2   1 
ATOM   43  O "O5'" . DG  A 1 3 ? -3.462  -0.544  5.337   1.00 13.69 ? 3  DG  A "O5'" 1 
ATOM   44  C "C5'" . DG  A 1 3 ? -2.116  -0.379  5.845   1.00 12.34 ? 3  DG  A "C5'" 1 
ATOM   45  C "C4'" . DG  A 1 3 ? -1.236  0.293   4.818   1.00 11.38 ? 3  DG  A "C4'" 1 
ATOM   46  O "O4'" . DG  A 1 3 ? -1.360  -0.480  3.602   1.00 10.82 ? 3  DG  A "O4'" 1 
ATOM   47  C "C3'" . DG  A 1 3 ? -1.599  1.727   4.442   1.00 11.16 ? 3  DG  A "C3'" 1 
ATOM   48  O "O3'" . DG  A 1 3 ? -0.367  2.406   4.204   1.00 11.84 ? 3  DG  A "O3'" 1 
ATOM   49  C "C2'" . DG  A 1 3 ? -2.290  1.588   3.098   1.00 10.66 ? 3  DG  A "C2'" 1 
ATOM   50  C "C1'" . DG  A 1 3 ? -1.543  0.413   2.523   1.00 10.38 ? 3  DG  A "C1'" 1 
ATOM   51  N N9    . DG  A 1 3 ? -2.256  -0.324  1.479   1.00 10.12 ? 3  DG  A N9    1 
ATOM   52  C C8    . DG  A 1 3 ? -3.046  -1.421  1.649   1.00 9.95  ? 3  DG  A C8    1 
ATOM   53  N N7    . DG  A 1 3 ? -3.518  -1.880  0.518   1.00 9.98  ? 3  DG  A N7    1 
ATOM   54  C C5    . DG  A 1 3 ? -3.008  -1.010  -0.439  1.00 10.10 ? 3  DG  A C5    1 
ATOM   55  C C6    . DG  A 1 3 ? -3.148  -1.007  -1.861  1.00 9.77  ? 3  DG  A C6    1 
ATOM   56  O O6    . DG  A 1 3 ? -3.767  -1.791  -2.563  1.00 9.87  ? 3  DG  A O6    1 
ATOM   57  N N1    . DG  A 1 3 ? -2.460  0.041   -2.459  1.00 9.44  ? 3  DG  A N1    1 
ATOM   58  C C2    . DG  A 1 3 ? -1.706  0.954   -1.784  1.00 9.78  ? 3  DG  A C2    1 
ATOM   59  N N2    . DG  A 1 3 ? -1.084  1.881   -2.519  1.00 9.56  ? 3  DG  A N2    1 
ATOM   60  N N3    . DG  A 1 3 ? -1.557  0.957   -0.458  1.00 9.97  ? 3  DG  A N3    1 
ATOM   61  C C4    . DG  A 1 3 ? -2.232  -0.043  0.137   1.00 9.95  ? 3  DG  A C4    1 
ATOM   62  P P     . DC  A 1 4 ? 0.195   3.468   5.289   1.00 12.61 ? 4  DC  A P     1 
ATOM   63  O OP1   . DC  A 1 4 ? -0.914  4.274   5.877   1.00 12.82 ? 4  DC  A OP1   1 
ATOM   64  O OP2   . DC  A 1 4 ? 1.360   4.114   4.623   1.00 12.45 ? 4  DC  A OP2   1 
ATOM   65  O "O5'" . DC  A 1 4 ? 0.766   2.543   6.452   1.00 12.28 ? 4  DC  A "O5'" 1 
ATOM   66  C "C5'" . DC  A 1 4 ? 1.934   1.734   6.264   1.00 11.46 ? 4  DC  A "C5'" 1 
ATOM   67  C "C4'" . DC  A 1 4 ? 2.060   0.769   7.417   1.00 10.90 ? 4  DC  A "C4'" 1 
ATOM   68  O "O4'" . DC  A 1 4 ? 0.960   -0.152  7.487   1.00 10.38 ? 4  DC  A "O4'" 1 
ATOM   69  C "C3'" . DC  A 1 4 ? 3.310   -0.089  7.328   1.00 10.88 ? 4  DC  A "C3'" 1 
ATOM   70  O "O3'" . DC  A 1 4 ? 4.386   0.713   7.856   1.00 11.67 ? 4  DC  A "O3'" 1 
ATOM   71  C "C2'" . DC  A 1 4 ? 2.928   -1.287  8.171   1.00 10.23 ? 4  DC  A "C2'" 1 
ATOM   72  C "C1'" . DC  A 1 4 ? 1.416   -1.384  8.014   1.00 9.95  ? 4  DC  A "C1'" 1 
ATOM   73  N N1    . DC  A 1 4 ? 0.827   -2.434  7.188   1.00 9.27  ? 4  DC  A N1    1 
ATOM   74  C C2    . DC  A 1 4 ? 1.062   -2.416  5.844   1.00 8.49  ? 4  DC  A C2    1 
ATOM   75  O O2    . DC  A 1 4 ? 1.857   -1.553  5.454   1.00 7.67  ? 4  DC  A O2    1 
ATOM   76  N N3    . DC  A 1 4 ? 0.435   -3.314  5.055   1.00 8.14  ? 4  DC  A N3    1 
ATOM   77  C C4    . DC  A 1 4 ? -0.392  -4.211  5.601   1.00 8.79  ? 4  DC  A C4    1 
ATOM   78  N N4    . DC  A 1 4 ? -1.011  -5.069  4.785   1.00 8.93  ? 4  DC  A N4    1 
ATOM   79  C C5    . DC  A 1 4 ? -0.617  -4.266  7.011   1.00 9.09  ? 4  DC  A C5    1 
ATOM   80  C C6    . DC  A 1 4 ? 0.014   -3.368  7.753   1.00 9.11  ? 4  DC  A C6    1 
HETATM 81  N N1    . 5CM A 1 5 ? 5.049   -3.081  3.784   1.00 9.29  ? 5  5CM A N1    1 
HETATM 82  C C2    . 5CM A 1 5 ? 4.351   -3.740  2.763   1.00 9.30  ? 5  5CM A C2    1 
HETATM 83  N N3    . 5CM A 1 5 ? 3.522   -4.756  3.076   1.00 8.73  ? 5  5CM A N3    1 
HETATM 84  C C4    . 5CM A 1 5 ? 3.363   -5.120  4.343   1.00 8.26  ? 5  5CM A C4    1 
HETATM 85  C C5    . 5CM A 1 5 ? 4.060   -4.480  5.405   1.00 8.47  ? 5  5CM A C5    1 
HETATM 86  C C5A   . 5CM A 1 5 ? 3.811   -4.939  6.808   1.00 8.32  ? 5  5CM A C5A   1 
HETATM 87  C C6    . 5CM A 1 5 ? 4.901   -3.480  5.082   1.00 8.89  ? 5  5CM A C6    1 
HETATM 88  O O2    . 5CM A 1 5 ? 4.530   -3.354  1.594   1.00 9.39  ? 5  5CM A O2    1 
HETATM 89  N N4    . 5CM A 1 5 ? 2.520   -6.105  4.594   1.00 7.52  ? 5  5CM A N4    1 
HETATM 90  C "C1'" . 5CM A 1 5 ? 5.909   -1.943  3.409   1.00 9.99  ? 5  5CM A "C1'" 1 
HETATM 91  C "C2'" . 5CM A 1 5 ? 5.234   -0.587  3.428   1.00 10.52 ? 5  5CM A "C2'" 1 
HETATM 92  C "C3'" . 5CM A 1 5 ? 6.432   0.330   3.557   1.00 11.28 ? 5  5CM A "C3'" 1 
HETATM 93  C "C4'" . 5CM A 1 5 ? 7.447   -0.491  4.347   1.00 10.86 ? 5  5CM A "C4'" 1 
HETATM 94  O "O4'" . 5CM A 1 5 ? 6.943   -1.842  4.359   1.00 10.41 ? 5  5CM A "O4'" 1 
HETATM 95  O "O3'" . 5CM A 1 5 ? 6.932   0.602   2.246   1.00 12.01 ? 5  5CM A "O3'" 1 
HETATM 96  C "C5'" . 5CM A 1 5 ? 7.593   -0.016  5.773   1.00 11.49 ? 5  5CM A "C5'" 1 
HETATM 97  O "O5'" . 5CM A 1 5 ? 6.327   0.421   6.274   1.00 12.27 ? 5  5CM A "O5'" 1 
HETATM 98  P P     . 5CM A 1 5 ? 5.898   0.186   7.798   1.00 12.56 ? 5  5CM A P     1 
HETATM 99  O OP1   . 5CM A 1 5 ? 5.871   -1.259  8.134   1.00 12.66 ? 5  5CM A OP1   1 
HETATM 100 O OP2   . 5CM A 1 5 ? 6.743   1.092   8.620   1.00 13.24 ? 5  5CM A OP2   1 
ATOM   101 P P     . DG  A 1 6 ? 7.744   1.958   1.984   1.00 12.42 ? 6  DG  A P     1 
ATOM   102 O OP1   . DG  A 1 6 ? 6.986   3.121   2.498   1.00 12.57 ? 6  DG  A OP1   1 
ATOM   103 O OP2   . DG  A 1 6 ? 8.165   1.899   0.548   1.00 12.92 ? 6  DG  A OP2   1 
ATOM   104 O "O5'" . DG  A 1 6 ? 9.059   1.800   2.854   1.00 11.66 ? 6  DG  A "O5'" 1 
ATOM   105 C "C5'" . DG  A 1 6 ? 10.303  1.505   2.211   1.00 11.16 ? 6  DG  A "C5'" 1 
ATOM   106 C "C4'" . DG  A 1 6 ? 11.407  1.389   3.235   1.00 10.75 ? 6  DG  A "C4'" 1 
ATOM   107 O "O4'" . DG  A 1 6 ? 10.927  0.784   4.452   1.00 10.39 ? 6  DG  A "O4'" 1 
ATOM   108 C "C3'" . DG  A 1 6 ? 12.645  0.586   2.806   1.00 10.44 ? 6  DG  A "C3'" 1 
ATOM   109 O "O3'" . DG  A 1 6 ? 13.824  1.326   3.118   1.00 11.10 ? 6  DG  A "O3'" 1 
ATOM   110 C "C2'" . DG  A 1 6 ? 12.624  -0.646  3.687   1.00 10.02 ? 6  DG  A "C2'" 1 
ATOM   111 C "C1'" . DG  A 1 6 ? 11.835  -0.213  4.901   1.00 9.76  ? 6  DG  A "C1'" 1 
ATOM   112 N N9    . DG  A 1 6 ? 11.053  -1.292  5.505   1.00 9.48  ? 6  DG  A N9    1 
ATOM   113 C C8    . DG  A 1 6 ? 10.881  -1.520  6.846   1.00 8.53  ? 6  DG  A C8    1 
ATOM   114 N N7    . DG  A 1 6 ? 10.139  -2.559  7.092   1.00 8.38  ? 6  DG  A N7    1 
ATOM   115 C C5    . DG  A 1 6 ? 9.807   -3.062  5.834   1.00 8.64  ? 6  DG  A C5    1 
ATOM   116 C C6    . DG  A 1 6 ? 8.901   -4.086  5.457   1.00 8.53  ? 6  DG  A C6    1 
ATOM   117 O O6    . DG  A 1 6 ? 8.298   -4.906  6.158   1.00 8.69  ? 6  DG  A O6    1 
ATOM   118 N N1    . DG  A 1 6 ? 8.708   -4.125  4.091   1.00 8.81  ? 6  DG  A N1    1 
ATOM   119 C C2    . DG  A 1 6 ? 9.311   -3.315  3.190   1.00 8.62  ? 6  DG  A C2    1 
ATOM   120 N N2    . DG  A 1 6 ? 9.008   -3.550  1.911   1.00 8.57  ? 6  DG  A N2    1 
ATOM   121 N N3    . DG  A 1 6 ? 10.152  -2.361  3.511   1.00 8.80  ? 6  DG  A N3    1 
ATOM   122 C C4    . DG  A 1 6 ? 10.362  -2.291  4.843   1.00 8.84  ? 6  DG  A C4    1 
HETATM 123 N N1    . 5CM B 1 1 ? 5.716   -7.355  1.366   1.00 10.26 ? 7  5CM B N1    1 
HETATM 124 C C2    . 5CM B 1 1 ? 6.605   -6.403  1.869   1.00 10.22 ? 7  5CM B C2    1 
HETATM 125 N N3    . 5CM B 1 1 ? 6.769   -6.322  3.214   1.00 10.07 ? 7  5CM B N3    1 
HETATM 126 C C4    . 5CM B 1 1 ? 6.124   -7.159  4.043   1.00 10.36 ? 7  5CM B C4    1 
HETATM 127 C C5    . 5CM B 1 1 ? 5.220   -8.149  3.544   1.00 10.43 ? 7  5CM B C5    1 
HETATM 128 C C5A   . 5CM B 1 1 ? 4.545   -9.082  4.501   1.00 10.20 ? 7  5CM B C5A   1 
HETATM 129 C C6    . 5CM B 1 1 ? 5.037   -8.201  2.206   1.00 10.38 ? 7  5CM B C6    1 
HETATM 130 O O2    . 5CM B 1 1 ? 7.239   -5.672  1.073   1.00 10.99 ? 7  5CM B O2    1 
HETATM 131 N N4    . 5CM B 1 1 ? 6.372   -7.023  5.351   1.00 10.52 ? 7  5CM B N4    1 
HETATM 132 C "C1'" . 5CM B 1 1 ? 5.509   -7.455  -0.093  1.00 10.28 ? 7  5CM B "C1'" 1 
HETATM 133 C "C2'" . 5CM B 1 1 ? 6.336   -8.542  -0.748  1.00 9.90  ? 7  5CM B "C2'" 1 
HETATM 134 C "C3'" . 5CM B 1 1 ? 5.548   -8.767  -2.020  1.00 9.94  ? 7  5CM B "C3'" 1 
HETATM 135 C "C4'" . 5CM B 1 1 ? 4.100   -8.514  -1.597  1.00 10.31 ? 7  5CM B "C4'" 1 
HETATM 136 O "O4'" . 5CM B 1 1 ? 4.169   -7.851  -0.312  1.00 10.02 ? 7  5CM B "O4'" 1 
HETATM 137 O "O3'" . 5CM B 1 1 ? 5.963   -7.736  -2.903  1.00 9.35  ? 7  5CM B "O3'" 1 
HETATM 138 C "C5'" . 5CM B 1 1 ? 3.216   -9.738  -1.538  1.00 10.45 ? 7  5CM B "C5'" 1 
HETATM 139 O "O5'" . 5CM B 1 1 ? 3.795   -10.916 -0.943  1.00 11.61 ? 7  5CM B "O5'" 1 
ATOM   140 P P     . DG  B 1 2 ? 5.922   -7.990  -4.492  1.00 9.13  ? 8  DG  B P     1 
ATOM   141 O OP1   . DG  B 1 2 ? 6.481   -9.324  -4.819  1.00 9.19  ? 8  DG  B OP1   1 
ATOM   142 O OP2   . DG  B 1 2 ? 6.498   -6.761  -5.102  1.00 9.36  ? 8  DG  B OP2   1 
ATOM   143 O "O5'" . DG  B 1 2 ? 4.351   -7.970  -4.799  1.00 8.70  ? 8  DG  B "O5'" 1 
ATOM   144 C "C5'" . DG  B 1 2 ? 3.668   -6.728  -5.091  1.00 8.81  ? 8  DG  B "C5'" 1 
ATOM   145 C "C4'" . DG  B 1 2 ? 2.183   -6.979  -5.222  1.00 8.95  ? 8  DG  B "C4'" 1 
ATOM   146 O "O4'" . DG  B 1 2 ? 1.769   -7.927  -4.234  1.00 9.11  ? 8  DG  B "O4'" 1 
ATOM   147 C "C3'" . DG  B 1 2 ? 1.312   -5.739  -5.017  1.00 9.49  ? 8  DG  B "C3'" 1 
ATOM   148 O "O3'" . DG  B 1 2 ? 0.898   -5.291  -6.311  1.00 10.31 ? 8  DG  B "O3'" 1 
ATOM   149 C "C2'" . DG  B 1 2 ? 0.080   -6.267  -4.310  1.00 9.25  ? 8  DG  B "C2'" 1 
ATOM   150 C "C1'" . DG  B 1 2 ? 0.452   -7.635  -3.782  1.00 9.21  ? 8  DG  B "C1'" 1 
ATOM   151 N N9    . DG  B 1 2 ? 0.444   -7.718  -2.326  1.00 9.03  ? 8  DG  B N9    1 
ATOM   152 C C8    . DG  B 1 2 ? -0.207  -8.670  -1.610  1.00 9.24  ? 8  DG  B C8    1 
ATOM   153 N N7    . DG  B 1 2 ? -0.077  -8.517  -0.323  1.00 9.12  ? 8  DG  B N7    1 
ATOM   154 C C5    . DG  B 1 2 ? 0.710   -7.384  -0.184  1.00 8.86  ? 8  DG  B C5    1 
ATOM   155 C C6    . DG  B 1 2 ? 1.324   -6.832  0.979   1.00 8.58  ? 8  DG  B C6    1 
ATOM   156 O O6    . DG  B 1 2 ? 1.182   -7.159  2.163   1.00 8.41  ? 8  DG  B O6    1 
ATOM   157 N N1    . DG  B 1 2 ? 2.175   -5.786  0.653   1.00 8.62  ? 8  DG  B N1    1 
ATOM   158 C C2    . DG  B 1 2 ? 2.419   -5.334  -0.615  1.00 8.62  ? 8  DG  B C2    1 
ATOM   159 N N2    . DG  B 1 2 ? 3.238   -4.291  -0.717  1.00 8.43  ? 8  DG  B N2    1 
ATOM   160 N N3    . DG  B 1 2 ? 1.876   -5.857  -1.697  1.00 8.65  ? 8  DG  B N3    1 
ATOM   161 C C4    . DG  B 1 2 ? 1.039   -6.872  -1.410  1.00 8.75  ? 8  DG  B C4    1 
ATOM   162 P P     . DG  B 1 3 ? 1.393   -3.866  -6.874  1.00 10.85 ? 9  DG  B P     1 
ATOM   163 O OP1   . DG  B 1 3 ? 0.752   -3.745  -8.212  1.00 11.15 ? 9  DG  B OP1   1 
ATOM   164 O OP2   . DG  B 1 3 ? 2.867   -3.762  -6.743  1.00 10.97 ? 9  DG  B OP2   1 
ATOM   165 O "O5'" . DG  B 1 3 ? 0.638   -2.786  -5.963  1.00 10.23 ? 9  DG  B "O5'" 1 
ATOM   166 C "C5'" . DG  B 1 3 ? 0.734   -1.362  -6.204  1.00 8.85  ? 9  DG  B "C5'" 1 
ATOM   167 C "C4'" . DG  B 1 3 ? 1.046   -0.643  -4.911  1.00 8.56  ? 9  DG  B "C4'" 1 
ATOM   168 O "O4'" . DG  B 1 3 ? 0.211   -1.108  -3.828  1.00 8.14  ? 9  DG  B "O4'" 1 
ATOM   169 C "C3'" . DG  B 1 3 ? 2.488   -0.892  -4.463  1.00 8.76  ? 9  DG  B "C3'" 1 
ATOM   170 O "O3'" . DG  B 1 3 ? 2.978   0.375   -4.045  1.00 9.58  ? 9  DG  B "O3'" 1 
ATOM   171 C "C2'" . DG  B 1 3 ? 2.344   -1.740  -3.213  1.00 8.49  ? 9  DG  B "C2'" 1 
ATOM   172 C "C1'" . DG  B 1 3 ? 1.013   -1.246  -2.667  1.00 8.03  ? 9  DG  B "C1'" 1 
ATOM   173 N N9    . DG  B 1 3 ? 0.364   -2.198  -1.768  1.00 7.49  ? 9  DG  B N9    1 
ATOM   174 C C8    . DG  B 1 3 ? -0.453  -3.237  -2.148  1.00 7.51  ? 9  DG  B C8    1 
ATOM   175 N N7    . DG  B 1 3 ? -0.867  -3.958  -1.135  1.00 7.09  ? 9  DG  B N7    1 
ATOM   176 C C5    . DG  B 1 3 ? -0.296  -3.337  -0.022  1.00 7.04  ? 9  DG  B C5    1 
ATOM   177 C C6    . DG  B 1 3 ? -0.299  -3.701  1.381   1.00 6.48  ? 9  DG  B C6    1 
ATOM   178 O O6    . DG  B 1 3 ? -0.857  -4.624  1.969   1.00 6.29  ? 9  DG  B O6    1 
ATOM   179 N N1    . DG  B 1 3 ? 0.464   -2.837  2.134   1.00 6.60  ? 9  DG  B N1    1 
ATOM   180 C C2    . DG  B 1 3 ? 1.168   -1.796  1.650   1.00 6.44  ? 9  DG  B C2    1 
ATOM   181 N N2    . DG  B 1 3 ? 1.877   -1.127  2.557   1.00 5.51  ? 9  DG  B N2    1 
ATOM   182 N N3    . DG  B 1 3 ? 1.182   -1.433  0.372   1.00 6.75  ? 9  DG  B N3    1 
ATOM   183 C C4    . DG  B 1 3 ? 0.441   -2.246  -0.397  1.00 6.73  ? 9  DG  B C4    1 
ATOM   184 P P     . DC  B 1 4 ? 3.848   1.271   -5.030  1.00 10.24 ? 10 DC  B P     1 
ATOM   185 O OP1   . DC  B 1 4 ? 4.935   0.464   -5.649  1.00 10.40 ? 10 DC  B OP1   1 
ATOM   186 O OP2   . DC  B 1 4 ? 4.138   2.453   -4.141  1.00 11.15 ? 10 DC  B OP2   1 
ATOM   187 O "O5'" . DC  B 1 4 ? 2.815   1.757   -6.114  1.00 10.24 ? 10 DC  B "O5'" 1 
ATOM   188 C "C5'" . DC  B 1 4 ? 2.009   2.894   -5.883  1.00 9.82  ? 10 DC  B "C5'" 1 
ATOM   189 C "C4'" . DC  B 1 4 ? 1.212   3.173   -7.130  1.00 9.62  ? 10 DC  B "C4'" 1 
ATOM   190 O "O4'" . DC  B 1 4 ? 0.558   1.929   -7.470  1.00 9.50  ? 10 DC  B "O4'" 1 
ATOM   191 C "C3'" . DC  B 1 4 ? 0.109   4.200   -6.926  1.00 9.84  ? 10 DC  B "C3'" 1 
ATOM   192 O "O3'" . DC  B 1 4 ? 0.515   5.453   -7.489  1.00 10.74 ? 10 DC  B "O3'" 1 
ATOM   193 C "C2'" . DC  B 1 4 ? -1.072  3.642   -7.702  1.00 9.34  ? 10 DC  B "C2'" 1 
ATOM   194 C "C1'" . DC  B 1 4 ? -0.774  2.170   -7.920  1.00 8.97  ? 10 DC  B "C1'" 1 
ATOM   195 N N1    . DC  B 1 4 ? -1.671  1.218   -7.233  1.00 8.48  ? 10 DC  B N1    1 
ATOM   196 C C2    . DC  B 1 4 ? -1.838  1.294   -5.826  1.00 7.93  ? 10 DC  B C2    1 
ATOM   197 O O2    . DC  B 1 4 ? -1.224  2.167   -5.193  1.00 7.40  ? 10 DC  B O2    1 
ATOM   198 N N3    . DC  B 1 4 ? -2.682  0.413   -5.211  1.00 7.97  ? 10 DC  B N3    1 
ATOM   199 C C4    . DC  B 1 4 ? -3.345  -0.495  -5.936  1.00 7.53  ? 10 DC  B C4    1 
ATOM   200 N N4    . DC  B 1 4 ? -4.170  -1.297  -5.301  1.00 7.12  ? 10 DC  B N4    1 
ATOM   201 C C5    . DC  B 1 4 ? -3.189  -0.595  -7.358  1.00 7.87  ? 10 DC  B C5    1 
ATOM   202 C C6    . DC  B 1 4 ? -2.351  0.273   -7.956  1.00 7.96  ? 10 DC  B C6    1 
HETATM 203 N N1    . 5CM B 1 5 ? -3.551  4.682   -3.688  1.00 10.28 ? 11 5CM B N1    1 
HETATM 204 C C2    . 5CM B 1 5 ? -4.166  3.775   -2.795  1.00 9.92  ? 11 5CM B C2    1 
HETATM 205 N N3    . 5CM B 1 5 ? -4.944  2.767   -3.304  1.00 9.98  ? 11 5CM B N3    1 
HETATM 206 C C4    . 5CM B 1 5 ? -5.100  2.656   -4.633  1.00 9.55  ? 11 5CM B C4    1 
HETATM 207 C C5    . 5CM B 1 5 ? -4.480  3.566   -5.548  1.00 9.65  ? 11 5CM B C5    1 
HETATM 208 C C5A   . 5CM B 1 5 ? -4.664  3.382   -7.026  1.00 9.37  ? 11 5CM B C5A   1 
HETATM 209 C C6    . 5CM B 1 5 ? -3.733  4.553   -5.038  1.00 9.94  ? 11 5CM B C6    1 
HETATM 210 O O2    . 5CM B 1 5 ? -3.999  3.906   -1.562  1.00 9.48  ? 11 5CM B O2    1 
HETATM 211 N N4    . 5CM B 1 5 ? -5.862  1.638   -5.077  1.00 8.99  ? 11 5CM B N4    1 
HETATM 212 C "C1'" . 5CM B 1 5 ? -2.712  5.780   -3.185  1.00 10.86 ? 11 5CM B "C1'" 1 
HETATM 213 C "C2'" . 5CM B 1 5 ? -1.244  5.472   -2.985  1.00 11.23 ? 11 5CM B "C2'" 1 
HETATM 214 C "C3'" . 5CM B 1 5 ? -0.643  6.865   -3.003  1.00 11.72 ? 11 5CM B "C3'" 1 
HETATM 215 C "C4'" . 5CM B 1 5 ? -1.590  7.677   -3.887  1.00 11.47 ? 11 5CM B "C4'" 1 
HETATM 216 O "O4'" . 5CM B 1 5 ? -2.714  6.804   -4.153  1.00 11.48 ? 11 5CM B "O4'" 1 
HETATM 217 O "O3'" . 5CM B 1 5 ? -0.767  7.410   -1.685  1.00 12.64 ? 11 5CM B "O3'" 1 
HETATM 218 C "C5'" . 5CM B 1 5 ? -0.950  8.238   -5.131  1.00 11.54 ? 11 5CM B "C5'" 1 
HETATM 219 O "O5'" . 5CM B 1 5 ? -0.715  7.176   -6.079  1.00 11.89 ? 11 5CM B "O5'" 1 
HETATM 220 P P     . 5CM B 1 5 ? 0.757   6.738   -6.530  1.00 11.82 ? 11 5CM B P     1 
HETATM 221 O OP1   . 5CM B 1 5 ? 1.203   7.765   -7.493  1.00 12.58 ? 11 5CM B OP1   1 
HETATM 222 O OP2   . 5CM B 1 5 ? 1.610   6.426   -5.353  1.00 11.89 ? 11 5CM B OP2   1 
ATOM   223 P P     . DG  B 1 6 ? 0.359   8.415   -1.143  1.00 12.90 ? 12 DG  B P     1 
ATOM   224 O OP1   . DG  B 1 6 ? 1.694   7.894   -1.535  1.00 13.11 ? 12 DG  B OP1   1 
ATOM   225 O OP2   . DG  B 1 6 ? 0.059   8.670   0.292   1.00 13.56 ? 12 DG  B OP2   1 
ATOM   226 O "O5'" . DG  B 1 6 ? 0.042   9.771   -1.915  1.00 12.54 ? 12 DG  B "O5'" 1 
ATOM   227 C "C5'" . DG  B 1 6 ? -1.124  10.541  -1.584  1.00 11.98 ? 12 DG  B "C5'" 1 
ATOM   228 C "C4'" . DG  B 1 6 ? -1.178  11.778  -2.445  1.00 11.55 ? 12 DG  B "C4'" 1 
ATOM   229 O "O4'" . DG  B 1 6 ? -1.415  11.403  -3.822  1.00 10.86 ? 12 DG  B "O4'" 1 
ATOM   230 C "C3'" . DG  B 1 6 ? -2.318  12.716  -2.050  1.00 11.39 ? 12 DG  B "C3'" 1 
ATOM   231 O "O3'" . DG  B 1 6 ? -1.829  14.066  -2.128  1.00 11.76 ? 12 DG  B "O3'" 1 
ATOM   232 C "C2'" . DG  B 1 6 ? -3.393  12.398  -3.072  1.00 11.19 ? 12 DG  B "C2'" 1 
ATOM   233 C "C1'" . DG  B 1 6 ? -2.596  12.006  -4.303  1.00 10.84 ? 12 DG  B "C1'" 1 
ATOM   234 N N9    . DG  B 1 6 ? -3.308  11.010  -5.087  1.00 10.43 ? 12 DG  B N9    1 
ATOM   235 C C8    . DG  B 1 6 ? -3.386  10.923  -6.455  1.00 10.42 ? 12 DG  B C8    1 
ATOM   236 N N7    . DG  B 1 6 ? -4.158  9.952   -6.861  1.00 10.22 ? 12 DG  B N7    1 
ATOM   237 C C5    . DG  B 1 6 ? -4.598  9.345   -5.693  1.00 9.99  ? 12 DG  B C5    1 
ATOM   238 C C6    . DG  B 1 6 ? -5.487  8.247   -5.501  1.00 9.86  ? 12 DG  B C6    1 
ATOM   239 O O6    . DG  B 1 6 ? -6.029  7.532   -6.364  1.00 9.67  ? 12 DG  B O6    1 
ATOM   240 N N1    . DG  B 1 6 ? -5.707  7.997   -4.146  1.00 9.40  ? 12 DG  B N1    1 
ATOM   241 C C2    . DG  B 1 6 ? -5.107  8.693   -3.106  1.00 9.71  ? 12 DG  B C2    1 
ATOM   242 N N2    . DG  B 1 6 ? -5.411  8.288   -1.851  1.00 9.36  ? 12 DG  B N2    1 
ATOM   243 N N3    . DG  B 1 6 ? -4.273  9.713   -3.278  1.00 9.94  ? 12 DG  B N3    1 
ATOM   244 C C4    . DG  B 1 6 ? -4.067  9.984   -4.586  1.00 10.26 ? 12 DG  B C4    1 
HETATM 245 O O     . HOH C 2 . ? -10.399 0.073   -3.335  1.00 13.77 ? 13 HOH A O     1 
HETATM 246 O O     . HOH C 2 . ? -4.935  3.756   3.154   1.00 21.48 ? 15 HOH A O     1 
HETATM 247 O O     . HOH C 2 . ? 6.706   -3.872  8.325   1.00 36.11 ? 16 HOH A O     1 
HETATM 248 O O     . HOH C 2 . ? -8.082  4.473   -8.910  1.00 28.06 ? 18 HOH A O     1 
HETATM 249 O O     . HOH C 2 . ? -10.208 -2.755  -2.464  1.00 13.27 ? 19 HOH A O     1 
HETATM 250 O O     . HOH C 2 . ? 8.831   -0.162  9.757   1.00 24.72 ? 23 HOH A O     1 
HETATM 251 O O     . HOH C 2 . ? -13.605 2.726   0.259   1.00 39.55 ? 24 HOH A O     1 
HETATM 252 O O     . HOH C 2 . ? -5.109  -4.188  0.642   1.00 24.26 ? 25 HOH A O     1 
HETATM 253 O O     . HOH C 2 . ? 1.479   3.602   -1.864  1.00 19.47 ? 26 HOH A O     1 
HETATM 254 O O     . HOH C 2 . ? 0.825   -8.134  6.716   1.00 32.11 ? 30 HOH A O     1 
HETATM 255 O O     . HOH C 2 . ? -5.301  3.502   7.280   1.00 42.90 ? 31 HOH A O     1 
HETATM 256 O O     . HOH C 2 . ? -2.585  0.263   9.964   1.00 31.41 ? 32 HOH A O     1 
HETATM 257 O O     . HOH C 2 . ? -5.061  -5.557  -1.756  1.00 37.08 ? 33 HOH A O     1 
HETATM 258 O O     . HOH C 2 . ? 9.372   -1.665  -0.325  1.00 23.39 ? 34 HOH A O     1 
HETATM 259 O O     . HOH C 2 . ? -7.116  6.469   3.321   1.00 47.60 ? 37 HOH A O     1 
HETATM 260 O O     . HOH C 2 . ? -6.054  2.102   9.671   1.00 51.39 ? 39 HOH A O     1 
HETATM 261 O O     . HOH C 2 . ? -12.298 6.141   3.427   1.00 30.32 ? 41 HOH A O     1 
HETATM 262 O O     . HOH C 2 . ? 6.903   -0.176  -1.140  1.00 38.37 ? 43 HOH A O     1 
HETATM 263 O O     . HOH C 2 . ? -5.025  6.719   5.347   1.00 43.58 ? 45 HOH A O     1 
HETATM 264 O O     . HOH D 2 . ? -3.811  8.442   0.528   1.00 34.80 ? 14 HOH B O     1 
HETATM 265 O O     . HOH D 2 . ? 6.065   -8.560  7.792   1.00 10.93 ? 17 HOH B O     1 
HETATM 266 O O     . HOH D 2 . ? -3.705  6.908   -8.270  1.00 26.68 ? 20 HOH B O     1 
HETATM 267 O O     . HOH D 2 . ? -1.099  7.448   -9.027  1.00 17.09 ? 21 HOH B O     1 
HETATM 268 O O     . HOH D 2 . ? 7.771   -5.475  -1.745  1.00 24.18 ? 22 HOH B O     1 
HETATM 269 O O     . HOH D 2 . ? 5.057   -3.661  -2.705  1.00 28.05 ? 27 HOH B O     1 
HETATM 270 O O     . HOH D 2 . ? 5.067   -3.420  -5.396  1.00 37.72 ? 28 HOH B O     1 
HETATM 271 O O     . HOH D 2 . ? -2.105  -6.995  0.897   1.00 50.93 ? 29 HOH B O     1 
HETATM 272 O O     . HOH D 2 . ? 4.227   -0.386  -0.502  1.00 17.35 ? 35 HOH B O     1 
HETATM 273 O O     . HOH D 2 . ? 1.720   -10.349 2.649   1.00 37.73 ? 36 HOH B O     1 
HETATM 274 O O     . HOH D 2 . ? 8.335   -7.318  8.858   1.00 25.59 ? 38 HOH B O     1 
HETATM 275 O O     . HOH D 2 . ? 5.438   5.481   -3.849  1.00 50.87 ? 40 HOH B O     1 
HETATM 276 O O     . HOH D 2 . ? -2.730  -8.754  2.901   1.00 32.46 ? 42 HOH B O     1 
HETATM 277 O O     . HOH D 2 . ? -2.478  4.732   0.746   1.00 57.09 ? 44 HOH B O     1 
HETATM 278 O O     . HOH D 2 . ? -0.328  -4.764  -10.193 1.00 56.75 ? 46 HOH B O     1 
HETATM 279 O O     . HOH D 2 . ? 4.446   -5.295  -8.888  1.00 23.43 ? 47 HOH B O     1 
# 
